data_7C8V
#
_entry.id   7C8V
#
_cell.length_a   65.553
_cell.length_b   65.553
_cell.length_c   344.526
_cell.angle_alpha   90.000
_cell.angle_beta   90.000
_cell.angle_gamma   120.000
#
_symmetry.space_group_name_H-M   'P 65 2 2'
#
loop_
_entity.id
_entity.type
_entity.pdbx_description
1 polymer 'Synthetic nanobody SR4'
2 polymer 'Spike protein S1'
3 non-polymer GLYCEROL
4 non-polymer 2-acetamido-2-deoxy-beta-D-glucopyranose
5 water water
#
loop_
_entity_poly.entity_id
_entity_poly.type
_entity_poly.pdbx_seq_one_letter_code
_entity_poly.pdbx_strand_id
1 'polypeptide(L)'
;GSSSQVQLVESGGGLVQAGGSLRLSCAASGFPVYSWNMWWYRQAPGKEREWVAAIESHGDSTRYADSVKGRFTISRDNAK
NTVYLQMNSLKPEDTAVYYCYVWVGHTYYGQGTQVTVSAGRAGEQKLISEEDLNSAVDHHHHHH
;
A
2 'polypeptide(L)'
;AGSPNITNLCPFGEVFNATRFASVYAWNRKRISNCVADYSVLYNSASFSTFKCYGVSPTKLNDLCFTNVYADSFVIRGDE
VRQIAPGQTGKIADYNYKLPDDFTGCVIAWNSNNLDSKVGGNYNYLYRLFRKSNLKPFERDISTEIYQAGSTPCNGVEGF
NCYFPLQSYGFQPTNGVGYQPYRVVVLSFELLHAPATVCGPKKSTGTLEVLFQ
;
B
#
# COMPACT_ATOMS: atom_id res chain seq x y z
N GLN A 5 4.44 24.31 -10.33
CA GLN A 5 5.63 23.77 -9.68
C GLN A 5 5.96 22.36 -10.17
N VAL A 6 5.24 21.37 -9.66
CA VAL A 6 5.46 19.97 -10.01
C VAL A 6 4.78 19.66 -11.33
N GLN A 7 5.48 18.92 -12.20
CA GLN A 7 4.87 18.49 -13.45
C GLN A 7 5.60 17.25 -13.97
N LEU A 8 4.89 16.47 -14.78
CA LEU A 8 5.45 15.31 -15.48
C LEU A 8 5.23 15.51 -16.98
N VAL A 9 6.32 15.47 -17.76
CA VAL A 9 6.27 15.68 -19.20
C VAL A 9 6.79 14.43 -19.91
N GLU A 10 5.93 13.81 -20.72
CA GLU A 10 6.24 12.57 -21.41
C GLU A 10 6.68 12.83 -22.86
N SER A 11 7.49 11.91 -23.38
CA SER A 11 7.90 11.94 -24.76
C SER A 11 8.38 10.54 -25.14
N GLY A 12 8.73 10.38 -26.43
CA GLY A 12 9.30 9.15 -26.92
C GLY A 12 8.32 8.18 -27.56
N GLY A 13 7.03 8.49 -27.58
CA GLY A 13 6.08 7.64 -28.25
C GLY A 13 6.21 7.78 -29.76
N GLY A 14 5.25 7.18 -30.47
CA GLY A 14 5.26 7.30 -31.91
C GLY A 14 4.87 6.00 -32.57
N LEU A 15 5.17 5.93 -33.86
CA LEU A 15 4.79 4.81 -34.71
C LEU A 15 5.95 3.83 -34.83
N VAL A 16 5.66 2.54 -34.69
CA VAL A 16 6.73 1.54 -34.76
C VAL A 16 6.13 0.23 -35.24
N GLN A 17 6.94 -0.57 -35.92
CA GLN A 17 6.45 -1.81 -36.48
C GLN A 17 6.53 -2.94 -35.44
N ALA A 18 5.62 -3.89 -35.56
CA ALA A 18 5.60 -5.05 -34.68
C ALA A 18 7.00 -5.66 -34.61
N GLY A 19 7.40 -6.01 -33.38
CA GLY A 19 8.72 -6.54 -33.12
C GLY A 19 9.75 -5.49 -32.78
N GLY A 20 9.51 -4.23 -33.12
CA GLY A 20 10.40 -3.14 -32.80
C GLY A 20 10.26 -2.70 -31.36
N SER A 21 10.87 -1.55 -31.06
CA SER A 21 10.95 -1.08 -29.69
C SER A 21 10.88 0.43 -29.65
N LEU A 22 10.49 0.96 -28.48
CA LEU A 22 10.49 2.40 -28.21
C LEU A 22 10.91 2.61 -26.76
N ARG A 23 11.41 3.82 -26.48
CA ARG A 23 11.74 4.23 -25.11
C ARG A 23 10.91 5.45 -24.75
N LEU A 24 9.87 5.24 -23.95
CA LEU A 24 9.08 6.35 -23.42
C LEU A 24 9.85 7.05 -22.31
N SER A 25 9.62 8.34 -22.21
CA SER A 25 10.33 9.20 -21.26
C SER A 25 9.30 9.92 -20.39
N CYS A 26 9.59 9.98 -19.09
CA CYS A 26 8.74 10.69 -18.13
C CYS A 26 9.67 11.63 -17.37
N ALA A 27 9.70 12.89 -17.78
CA ALA A 27 10.60 13.88 -17.24
C ALA A 27 9.88 14.68 -16.16
N ALA A 28 10.46 14.74 -14.97
CA ALA A 28 9.82 15.43 -13.87
C ALA A 28 10.43 16.80 -13.64
N SER A 29 9.61 17.72 -13.17
CA SER A 29 10.07 19.01 -12.67
C SER A 29 9.38 19.29 -11.34
N GLY A 30 10.15 19.75 -10.38
CA GLY A 30 9.62 20.13 -9.08
C GLY A 30 9.76 19.10 -7.97
N PHE A 31 10.41 17.97 -8.24
CA PHE A 31 10.70 16.94 -7.25
C PHE A 31 11.67 15.95 -7.87
N PRO A 32 12.50 15.27 -7.06
CA PRO A 32 13.38 14.24 -7.61
C PRO A 32 12.64 12.92 -7.79
N VAL A 33 12.73 12.35 -9.00
CA VAL A 33 11.98 11.13 -9.32
C VAL A 33 12.39 9.95 -8.44
N TYR A 34 13.60 9.98 -7.90
CA TYR A 34 14.06 8.86 -7.10
C TYR A 34 13.36 8.79 -5.75
N SER A 35 12.72 9.88 -5.33
CA SER A 35 12.13 9.98 -4.00
C SER A 35 10.70 9.48 -3.93
N TRP A 36 10.12 9.01 -5.03
CA TRP A 36 8.69 8.76 -5.07
C TRP A 36 8.37 7.52 -5.90
N ASN A 37 7.40 6.74 -5.42
CA ASN A 37 6.84 5.67 -6.25
C ASN A 37 6.35 6.26 -7.57
N MET A 38 6.53 5.51 -8.65
CA MET A 38 5.98 5.90 -9.92
C MET A 38 5.27 4.72 -10.55
N TRP A 39 4.13 4.99 -11.18
CA TRP A 39 3.36 4.00 -11.91
C TRP A 39 3.24 4.38 -13.39
N TRP A 40 3.19 3.37 -14.25
CA TRP A 40 2.89 3.55 -15.66
C TRP A 40 1.56 2.88 -15.96
N TYR A 41 0.72 3.59 -16.70
CA TYR A 41 -0.57 3.07 -17.15
C TYR A 41 -0.66 3.27 -18.65
N ARG A 42 -1.65 2.64 -19.27
CA ARG A 42 -1.89 2.86 -20.68
C ARG A 42 -3.38 2.71 -20.94
N GLN A 43 -3.84 3.41 -21.98
CA GLN A 43 -5.23 3.33 -22.37
C GLN A 43 -5.33 3.34 -23.88
N ALA A 44 -6.02 2.35 -24.41
CA ALA A 44 -6.50 2.07 -25.75
C ALA A 44 -7.95 2.52 -25.87
N PRO A 45 -8.37 3.08 -27.00
CA PRO A 45 -9.74 3.57 -27.11
C PRO A 45 -10.75 2.46 -26.84
N GLY A 46 -11.80 2.80 -26.11
CA GLY A 46 -12.83 1.84 -25.78
C GLY A 46 -12.47 0.84 -24.69
N LYS A 47 -11.28 0.93 -24.12
CA LYS A 47 -10.88 0.06 -23.01
C LYS A 47 -10.57 0.91 -21.79
N GLU A 48 -10.54 0.26 -20.62
CA GLU A 48 -10.23 1.01 -19.41
C GLU A 48 -8.72 1.19 -19.29
N ARG A 49 -8.32 2.23 -18.53
CA ARG A 49 -6.92 2.39 -18.15
C ARG A 49 -6.39 1.09 -17.57
N GLU A 50 -5.19 0.71 -18.00
CA GLU A 50 -4.59 -0.57 -17.64
C GLU A 50 -3.24 -0.28 -17.01
N TRP A 51 -3.04 -0.75 -15.78
CA TRP A 51 -1.74 -0.67 -15.16
C TRP A 51 -0.73 -1.51 -15.94
N VAL A 52 0.49 -1.00 -16.08
CA VAL A 52 1.53 -1.62 -16.91
CA VAL A 52 1.48 -1.72 -16.88
C VAL A 52 2.77 -1.94 -16.09
N ALA A 53 3.23 -0.99 -15.27
CA ALA A 53 4.49 -1.18 -14.56
C ALA A 53 4.60 -0.16 -13.42
N ALA A 54 5.53 -0.42 -12.50
CA ALA A 54 5.71 0.44 -11.34
C ALA A 54 7.15 0.32 -10.85
N ILE A 55 7.66 1.40 -10.25
CA ILE A 55 8.95 1.38 -9.57
C ILE A 55 8.81 2.05 -8.21
N GLU A 56 9.45 1.46 -7.21
CA GLU A 56 9.35 1.95 -5.84
C GLU A 56 10.26 3.15 -5.61
N SER A 57 9.86 4.01 -4.69
CA SER A 57 10.72 5.13 -4.28
C SER A 57 11.99 4.60 -3.62
N HIS A 58 13.05 5.43 -3.67
CA HIS A 58 14.26 5.22 -2.88
C HIS A 58 14.82 3.81 -3.03
N GLY A 59 14.74 3.28 -4.26
CA GLY A 59 15.20 1.93 -4.52
C GLY A 59 15.03 1.62 -5.99
N ASP A 60 15.32 0.38 -6.35
CA ASP A 60 15.23 -0.03 -7.75
C ASP A 60 14.21 -1.13 -8.00
N SER A 61 13.41 -1.50 -7.00
CA SER A 61 12.48 -2.60 -7.14
C SER A 61 11.32 -2.23 -8.05
N THR A 62 11.06 -3.08 -9.05
CA THR A 62 10.09 -2.85 -10.10
C THR A 62 9.10 -4.01 -10.18
N ARG A 63 7.94 -3.75 -10.78
CA ARG A 63 6.99 -4.80 -11.06
C ARG A 63 6.23 -4.47 -12.35
N TYR A 64 5.64 -5.50 -12.95
CA TYR A 64 5.09 -5.40 -14.29
C TYR A 64 3.82 -6.24 -14.39
N ALA A 65 2.91 -5.76 -15.24
CA ALA A 65 1.73 -6.52 -15.60
C ALA A 65 2.14 -7.74 -16.41
N ASP A 66 1.35 -8.82 -16.29
CA ASP A 66 1.65 -10.05 -17.03
C ASP A 66 1.72 -9.79 -18.52
N SER A 67 0.91 -8.87 -19.04
CA SER A 67 0.88 -8.64 -20.48
C SER A 67 2.19 -8.09 -21.02
N VAL A 68 3.02 -7.44 -20.19
CA VAL A 68 4.25 -6.84 -20.67
C VAL A 68 5.48 -7.39 -19.97
N LYS A 69 5.31 -8.31 -19.02
CA LYS A 69 6.42 -8.91 -18.28
CA LYS A 69 6.44 -8.88 -18.29
C LYS A 69 7.49 -9.44 -19.25
N GLY A 70 8.73 -9.08 -19.00
CA GLY A 70 9.83 -9.48 -19.85
C GLY A 70 10.09 -8.58 -21.04
N ARG A 71 9.11 -7.79 -21.49
CA ARG A 71 9.34 -6.92 -22.63
C ARG A 71 9.54 -5.47 -22.24
N PHE A 72 8.96 -5.04 -21.11
CA PHE A 72 9.03 -3.65 -20.67
C PHE A 72 9.97 -3.54 -19.48
N THR A 73 10.74 -2.46 -19.45
CA THR A 73 11.70 -2.25 -18.38
C THR A 73 11.65 -0.79 -17.95
N ILE A 74 11.45 -0.57 -16.66
CA ILE A 74 11.55 0.76 -16.08
C ILE A 74 13.00 0.98 -15.66
N SER A 75 13.49 2.20 -15.87
CA SER A 75 14.76 2.60 -15.30
C SER A 75 14.71 4.10 -15.03
N ARG A 76 15.65 4.56 -14.23
CA ARG A 76 15.75 5.97 -13.85
C ARG A 76 17.05 6.57 -14.35
N ASP A 77 16.98 7.82 -14.77
CA ASP A 77 18.16 8.65 -14.99
C ASP A 77 18.03 9.79 -13.99
N ASN A 78 18.70 9.67 -12.85
CA ASN A 78 18.56 10.68 -11.81
C ASN A 78 19.18 12.00 -12.23
N ALA A 79 20.23 11.96 -13.05
CA ALA A 79 20.83 13.19 -13.54
C ALA A 79 19.86 13.97 -14.41
N LYS A 80 19.04 13.27 -15.19
CA LYS A 80 18.04 13.92 -16.03
C LYS A 80 16.70 14.09 -15.33
N ASN A 81 16.58 13.67 -14.08
CA ASN A 81 15.30 13.63 -13.36
C ASN A 81 14.21 12.99 -14.22
N THR A 82 14.52 11.81 -14.76
CA THR A 82 13.67 11.18 -15.74
C THR A 82 13.54 9.70 -15.43
N VAL A 83 12.35 9.16 -15.64
CA VAL A 83 12.12 7.72 -15.61
C VAL A 83 11.74 7.27 -17.00
N TYR A 84 12.37 6.19 -17.46
CA TYR A 84 12.11 5.63 -18.78
C TYR A 84 11.28 4.36 -18.68
N LEU A 85 10.48 4.13 -19.71
CA LEU A 85 9.84 2.84 -19.94
C LEU A 85 10.38 2.32 -21.27
N GLN A 86 11.34 1.40 -21.19
CA GLN A 86 11.83 0.72 -22.39
C GLN A 86 10.84 -0.36 -22.78
N MET A 87 10.41 -0.35 -24.05
CA MET A 87 9.39 -1.26 -24.54
C MET A 87 9.97 -2.04 -25.73
N ASN A 88 10.27 -3.32 -25.54
CA ASN A 88 10.80 -4.15 -26.62
C ASN A 88 9.74 -5.10 -27.12
N SER A 89 9.97 -5.64 -28.32
CA SER A 89 9.11 -6.69 -28.91
C SER A 89 7.65 -6.25 -28.95
N LEU A 90 7.43 -5.05 -29.48
CA LEU A 90 6.09 -4.47 -29.47
C LEU A 90 5.15 -5.25 -30.38
N LYS A 91 3.93 -5.44 -29.90
CA LYS A 91 2.85 -6.06 -30.63
C LYS A 91 1.77 -5.02 -30.94
N PRO A 92 0.95 -5.26 -31.96
CA PRO A 92 -0.12 -4.29 -32.26
C PRO A 92 -1.05 -4.01 -31.09
N GLU A 93 -1.32 -5.00 -30.24
CA GLU A 93 -2.19 -4.77 -29.10
C GLU A 93 -1.52 -3.95 -27.99
N ASP A 94 -0.23 -3.63 -28.10
CA ASP A 94 0.39 -2.63 -27.24
C ASP A 94 0.04 -1.19 -27.63
N THR A 95 -0.70 -0.99 -28.72
CA THR A 95 -1.09 0.35 -29.13
C THR A 95 -2.01 0.99 -28.09
N ALA A 96 -1.65 2.20 -27.65
CA ALA A 96 -2.41 2.90 -26.60
C ALA A 96 -1.70 4.21 -26.33
N VAL A 97 -2.35 5.07 -25.56
CA VAL A 97 -1.69 6.21 -24.94
C VAL A 97 -1.11 5.75 -23.61
N TYR A 98 0.16 6.06 -23.38
CA TYR A 98 0.86 5.63 -22.18
C TYR A 98 1.04 6.82 -21.24
N TYR A 99 0.82 6.58 -19.94
CA TYR A 99 0.90 7.63 -18.94
C TYR A 99 1.85 7.23 -17.81
N CYS A 100 2.53 8.22 -17.23
CA CYS A 100 3.21 8.04 -15.95
C CYS A 100 2.48 8.82 -14.86
N TYR A 101 2.35 8.19 -13.69
CA TYR A 101 1.70 8.74 -12.51
C TYR A 101 2.71 8.80 -11.37
N VAL A 102 2.70 9.89 -10.59
CA VAL A 102 3.51 9.99 -9.37
C VAL A 102 2.66 10.66 -8.31
N TRP A 103 2.62 10.07 -7.11
CA TRP A 103 1.96 10.68 -5.97
C TRP A 103 2.99 11.50 -5.19
N VAL A 104 2.74 12.79 -5.06
CA VAL A 104 3.55 13.68 -4.24
C VAL A 104 2.60 14.51 -3.40
N GLY A 105 2.02 13.92 -2.36
CA GLY A 105 0.97 14.57 -1.60
C GLY A 105 -0.37 14.35 -2.24
N HIS A 106 -0.42 14.45 -3.56
CA HIS A 106 -1.54 14.00 -4.37
C HIS A 106 -0.96 13.54 -5.71
N THR A 107 -1.79 12.92 -6.53
CA THR A 107 -1.27 12.28 -7.72
C THR A 107 -1.08 13.28 -8.86
N TYR A 108 0.08 13.22 -9.50
CA TYR A 108 0.35 13.97 -10.71
C TYR A 108 0.43 13.03 -11.90
N TYR A 109 0.03 13.54 -13.07
CA TYR A 109 -0.13 12.73 -14.26
C TYR A 109 0.64 13.35 -15.41
N GLY A 110 1.46 12.54 -16.08
CA GLY A 110 1.97 12.95 -17.37
C GLY A 110 0.86 13.18 -18.37
N GLN A 111 1.18 13.95 -19.43
CA GLN A 111 0.16 14.27 -20.42
C GLN A 111 -0.13 13.11 -21.37
N GLY A 112 0.62 12.03 -21.29
CA GLY A 112 0.35 10.91 -22.18
C GLY A 112 1.13 11.02 -23.48
N THR A 113 1.51 9.87 -24.02
CA THR A 113 2.19 9.81 -25.31
C THR A 113 1.68 8.59 -26.06
N GLN A 114 1.35 8.81 -27.33
CA GLN A 114 0.72 7.78 -28.15
C GLN A 114 1.76 6.79 -28.64
N VAL A 115 1.44 5.50 -28.53
CA VAL A 115 2.24 4.43 -29.09
C VAL A 115 1.34 3.69 -30.06
N THR A 116 1.78 3.58 -31.31
CA THR A 116 1.01 2.90 -32.33
C THR A 116 1.92 1.87 -32.98
N VAL A 117 1.51 0.61 -32.96
CA VAL A 117 2.31 -0.48 -33.49
C VAL A 117 1.65 -0.99 -34.76
N SER A 118 2.43 -1.02 -35.83
CA SER A 118 1.94 -1.46 -37.14
C SER A 118 2.51 -2.83 -37.51
N ALA A 119 1.78 -3.51 -38.40
CA ALA A 119 2.14 -4.84 -38.90
C ALA A 119 1.69 -4.93 -40.36
N GLY A 120 2.53 -5.56 -41.21
CA GLY A 120 2.21 -5.69 -42.61
C GLY A 120 3.26 -5.13 -43.55
N ARG A 121 2.90 -4.83 -44.80
CA ARG A 121 3.85 -4.39 -45.82
C ARG A 121 3.46 -3.02 -46.37
N ALA A 122 4.47 -2.20 -46.63
CA ALA A 122 4.28 -0.84 -47.15
C ALA A 122 4.35 -0.78 -48.67
N GLY A 123 5.35 -1.43 -49.27
CA GLY A 123 5.43 -1.48 -50.72
C GLY A 123 5.58 -0.13 -51.39
N ASN B 8 -26.65 -7.25 24.71
CA ASN B 8 -25.84 -6.03 24.64
C ASN B 8 -24.50 -6.32 23.96
N LEU B 9 -24.54 -6.48 22.64
CA LEU B 9 -23.41 -7.06 21.93
C LEU B 9 -22.31 -6.03 21.71
N CYS B 10 -21.07 -6.51 21.72
CA CYS B 10 -19.94 -5.66 21.40
C CYS B 10 -20.08 -5.17 19.95
N PRO B 11 -19.79 -3.88 19.68
CA PRO B 11 -19.96 -3.34 18.31
C PRO B 11 -18.79 -3.63 17.39
N PHE B 12 -18.44 -4.90 17.24
CA PHE B 12 -17.35 -5.24 16.34
C PHE B 12 -17.69 -4.99 14.89
N GLY B 13 -18.98 -4.95 14.53
CA GLY B 13 -19.35 -4.66 13.16
C GLY B 13 -18.80 -3.33 12.67
N GLU B 14 -18.85 -2.31 13.53
CA GLU B 14 -18.31 -1.01 13.12
C GLU B 14 -16.83 -1.08 12.77
N VAL B 15 -16.10 -2.04 13.34
CA VAL B 15 -14.69 -2.17 13.00
C VAL B 15 -14.50 -2.97 11.73
N PHE B 16 -15.06 -4.18 11.69
CA PHE B 16 -14.79 -5.07 10.59
C PHE B 16 -15.47 -4.60 9.30
N ASN B 17 -16.64 -3.98 9.41
CA ASN B 17 -17.45 -3.61 8.26
C ASN B 17 -17.41 -2.11 7.98
N ALA B 18 -16.40 -1.39 8.48
CA ALA B 18 -16.30 0.02 8.15
C ALA B 18 -16.10 0.20 6.65
N THR B 19 -16.66 1.31 6.13
CA THR B 19 -16.54 1.58 4.69
C THR B 19 -15.09 1.81 4.31
N ARG B 20 -14.41 2.71 5.02
CA ARG B 20 -13.01 3.01 4.77
CA ARG B 20 -13.01 3.04 4.79
C ARG B 20 -12.19 2.63 6.00
N PHE B 21 -11.00 2.09 5.75
CA PHE B 21 -10.06 1.83 6.83
C PHE B 21 -9.01 2.93 6.86
N ALA B 22 -8.26 2.97 7.96
CA ALA B 22 -7.21 3.96 8.09
C ALA B 22 -5.96 3.53 7.34
N SER B 23 -5.14 4.51 6.95
CA SER B 23 -3.76 4.22 6.57
C SER B 23 -3.02 3.62 7.77
N VAL B 24 -2.09 2.70 7.48
CA VAL B 24 -1.42 1.97 8.57
C VAL B 24 -0.66 2.92 9.48
N TYR B 25 -0.04 3.97 8.94
CA TYR B 25 0.70 4.90 9.78
C TYR B 25 -0.23 5.66 10.73
N ALA B 26 -1.48 5.82 10.33
CA ALA B 26 -2.50 6.51 11.13
C ALA B 26 -3.56 5.54 11.63
N TRP B 27 -3.17 4.29 11.89
CA TRP B 27 -4.09 3.24 12.30
C TRP B 27 -5.13 3.68 13.35
N ASN B 28 -6.34 3.13 13.24
CA ASN B 28 -7.43 3.46 14.14
C ASN B 28 -7.50 2.45 15.27
N ARG B 29 -8.03 2.89 16.42
CA ARG B 29 -8.31 2.00 17.53
C ARG B 29 -9.74 2.24 18.00
N LYS B 30 -10.46 1.16 18.22
CA LYS B 30 -11.76 1.21 18.87
C LYS B 30 -11.64 0.52 20.22
N ARG B 31 -12.07 1.22 21.28
CA ARG B 31 -12.13 0.61 22.60
C ARG B 31 -13.45 -0.13 22.75
N ILE B 32 -13.37 -1.42 23.08
CA ILE B 32 -14.54 -2.27 23.28
C ILE B 32 -14.69 -2.51 24.79
N SER B 33 -15.85 -2.19 25.34
CA SER B 33 -16.05 -2.35 26.78
CA SER B 33 -16.05 -2.36 26.78
C SER B 33 -17.52 -2.63 27.09
N ASN B 34 -17.75 -3.20 28.28
CA ASN B 34 -19.09 -3.40 28.83
CA ASN B 34 -19.09 -3.44 28.84
C ASN B 34 -20.03 -4.01 27.79
N CYS B 35 -19.69 -5.21 27.33
CA CYS B 35 -20.49 -5.84 26.29
C CYS B 35 -20.13 -7.32 26.18
N VAL B 36 -20.95 -8.04 25.43
CA VAL B 36 -20.76 -9.47 25.19
C VAL B 36 -20.33 -9.66 23.75
N ALA B 37 -19.30 -10.47 23.54
CA ALA B 37 -18.73 -10.70 22.23
C ALA B 37 -18.64 -12.20 21.96
N ASP B 38 -19.00 -12.60 20.75
CA ASP B 38 -18.89 -13.99 20.31
C ASP B 38 -17.68 -14.07 19.39
N TYR B 39 -16.52 -14.37 19.98
CA TYR B 39 -15.31 -14.48 19.19
C TYR B 39 -15.33 -15.70 18.28
N SER B 40 -16.05 -16.75 18.69
CA SER B 40 -16.09 -17.96 17.88
C SER B 40 -16.74 -17.70 16.54
N VAL B 41 -17.71 -16.79 16.48
CA VAL B 41 -18.35 -16.45 15.21
C VAL B 41 -17.35 -15.82 14.27
N LEU B 42 -16.49 -14.93 14.78
CA LEU B 42 -15.45 -14.34 13.94
C LEU B 42 -14.39 -15.38 13.59
N TYR B 43 -13.90 -16.13 14.57
CA TYR B 43 -12.82 -17.09 14.31
C TYR B 43 -13.21 -18.13 13.28
N ASN B 44 -14.49 -18.50 13.22
CA ASN B 44 -14.94 -19.55 12.32
C ASN B 44 -15.35 -19.04 10.96
N SER B 45 -15.29 -17.73 10.72
CA SER B 45 -15.66 -17.15 9.44
C SER B 45 -14.53 -17.37 8.43
N ALA B 46 -14.85 -18.02 7.31
CA ALA B 46 -13.85 -18.26 6.28
C ALA B 46 -13.42 -16.96 5.58
N SER B 47 -14.16 -15.86 5.74
CA SER B 47 -13.72 -14.64 5.08
C SER B 47 -12.44 -14.07 5.69
N PHE B 48 -12.00 -14.54 6.86
CA PHE B 48 -10.75 -14.12 7.46
C PHE B 48 -9.66 -15.14 7.11
N SER B 49 -8.75 -14.75 6.22
CA SER B 49 -7.70 -15.68 5.82
C SER B 49 -6.56 -15.70 6.83
N THR B 50 -6.35 -14.62 7.56
CA THR B 50 -5.48 -14.65 8.73
C THR B 50 -6.34 -14.49 9.97
N PHE B 51 -6.10 -15.36 10.95
CA PHE B 51 -6.76 -15.23 12.25
C PHE B 51 -5.85 -15.98 13.22
N LYS B 52 -4.84 -15.28 13.73
CA LYS B 52 -3.75 -15.87 14.50
C LYS B 52 -3.71 -15.17 15.86
N CYS B 53 -3.80 -15.95 16.93
CA CYS B 53 -3.77 -15.38 18.28
C CYS B 53 -2.48 -15.75 18.98
N TYR B 54 -2.08 -14.91 19.93
CA TYR B 54 -0.80 -15.03 20.61
C TYR B 54 -1.08 -15.00 22.10
N GLY B 55 -0.52 -15.97 22.83
CA GLY B 55 -0.76 -16.06 24.27
C GLY B 55 -2.18 -16.40 24.66
N VAL B 56 -3.06 -16.65 23.69
CA VAL B 56 -4.43 -17.00 24.01
C VAL B 56 -4.96 -17.90 22.90
N SER B 57 -5.86 -18.80 23.27
CA SER B 57 -6.42 -19.72 22.29
C SER B 57 -7.69 -19.13 21.69
N PRO B 58 -7.80 -19.07 20.36
CA PRO B 58 -9.01 -18.49 19.76
C PRO B 58 -10.28 -19.22 20.16
N THR B 59 -10.22 -20.53 20.40
CA THR B 59 -11.41 -21.28 20.76
C THR B 59 -11.78 -21.13 22.23
N LYS B 60 -10.90 -20.58 23.07
CA LYS B 60 -11.23 -20.32 24.47
C LYS B 60 -11.69 -18.90 24.71
N LEU B 61 -11.63 -18.03 23.68
CA LEU B 61 -11.92 -16.62 23.88
C LEU B 61 -13.33 -16.40 24.42
N ASN B 62 -14.29 -17.23 24.02
CA ASN B 62 -15.64 -17.11 24.53
C ASN B 62 -15.75 -17.42 26.02
N ASP B 63 -14.70 -17.98 26.61
CA ASP B 63 -14.68 -18.33 28.03
C ASP B 63 -14.06 -17.26 28.91
N LEU B 64 -13.61 -16.13 28.36
CA LEU B 64 -12.78 -15.20 29.10
C LEU B 64 -13.48 -13.85 29.24
N CYS B 65 -13.13 -13.13 30.30
CA CYS B 65 -13.54 -11.75 30.48
C CYS B 65 -12.31 -10.87 30.56
N PHE B 66 -12.46 -9.64 30.05
CA PHE B 66 -11.39 -8.67 30.03
C PHE B 66 -11.96 -7.30 30.42
N THR B 67 -11.09 -6.44 30.95
CA THR B 67 -11.52 -5.11 31.33
C THR B 67 -11.81 -4.26 30.11
N ASN B 68 -10.90 -4.31 29.14
CA ASN B 68 -11.05 -3.60 27.88
C ASN B 68 -10.57 -4.51 26.77
N VAL B 69 -11.19 -4.37 25.61
CA VAL B 69 -10.68 -4.96 24.39
C VAL B 69 -10.41 -3.84 23.40
N TYR B 70 -9.25 -3.90 22.73
CA TYR B 70 -8.87 -2.88 21.76
C TYR B 70 -8.85 -3.52 20.39
N ALA B 71 -9.50 -2.87 19.44
CA ALA B 71 -9.53 -3.31 18.05
C ALA B 71 -8.83 -2.24 17.21
N ASP B 72 -7.62 -2.54 16.75
CA ASP B 72 -6.87 -1.65 15.89
C ASP B 72 -7.03 -2.11 14.44
N SER B 73 -7.30 -1.17 13.54
CA SER B 73 -7.58 -1.55 12.16
C SER B 73 -6.89 -0.60 11.19
N PHE B 74 -6.47 -1.16 10.05
CA PHE B 74 -5.72 -0.40 9.05
C PHE B 74 -5.61 -1.25 7.78
N VAL B 75 -4.99 -0.67 6.76
CA VAL B 75 -4.74 -1.39 5.51
C VAL B 75 -3.25 -1.38 5.23
N ILE B 76 -2.72 -2.56 4.87
CA ILE B 76 -1.38 -2.73 4.32
C ILE B 76 -1.52 -3.56 3.04
N ARG B 77 -0.39 -3.87 2.39
CA ARG B 77 -0.45 -4.75 1.24
C ARG B 77 -0.16 -6.20 1.64
N GLY B 78 -0.48 -7.12 0.72
CA GLY B 78 -0.49 -8.54 1.04
C GLY B 78 0.81 -9.06 1.62
N ASP B 79 1.94 -8.64 1.06
CA ASP B 79 3.26 -9.11 1.48
C ASP B 79 3.66 -8.62 2.86
N GLU B 80 2.89 -7.69 3.43
CA GLU B 80 3.22 -7.09 4.71
C GLU B 80 2.39 -7.67 5.84
N VAL B 81 1.36 -8.47 5.54
CA VAL B 81 0.56 -9.05 6.62
C VAL B 81 1.44 -9.81 7.59
N ARG B 82 2.51 -10.45 7.09
CA ARG B 82 3.42 -11.23 7.96
C ARG B 82 4.13 -10.35 8.98
N GLN B 83 4.23 -9.05 8.74
CA GLN B 83 4.87 -8.16 9.69
C GLN B 83 4.00 -7.83 10.88
N ILE B 84 2.70 -8.12 10.80
CA ILE B 84 1.83 -7.85 11.94
C ILE B 84 1.87 -9.06 12.85
N ALA B 85 2.98 -9.22 13.56
CA ALA B 85 3.19 -10.32 14.47
C ALA B 85 4.30 -9.94 15.44
N PRO B 86 4.33 -10.54 16.64
CA PRO B 86 5.45 -10.31 17.57
C PRO B 86 6.78 -10.66 16.90
N GLY B 87 7.81 -9.88 17.22
CA GLY B 87 9.14 -10.19 16.76
C GLY B 87 9.47 -9.74 15.35
N GLN B 88 8.53 -9.14 14.64
CA GLN B 88 8.77 -8.82 13.24
C GLN B 88 9.55 -7.53 13.10
N THR B 89 10.30 -7.43 12.00
CA THR B 89 10.95 -6.21 11.59
C THR B 89 10.59 -5.93 10.13
N GLY B 90 10.87 -4.73 9.68
CA GLY B 90 10.43 -4.25 8.39
C GLY B 90 9.77 -2.90 8.49
N LYS B 91 9.55 -2.29 7.32
CA LYS B 91 9.00 -0.93 7.28
C LYS B 91 7.72 -0.81 8.08
N ILE B 92 6.83 -1.80 7.95
CA ILE B 92 5.55 -1.71 8.65
C ILE B 92 5.75 -1.93 10.14
N ALA B 93 6.43 -3.00 10.52
CA ALA B 93 6.63 -3.28 11.94
C ALA B 93 7.48 -2.20 12.60
N ASP B 94 8.53 -1.74 11.92
CA ASP B 94 9.44 -0.76 12.51
C ASP B 94 8.82 0.62 12.59
N TYR B 95 8.08 1.04 11.54
CA TYR B 95 7.75 2.45 11.38
C TYR B 95 6.27 2.77 11.37
N ASN B 96 5.39 1.77 11.34
CA ASN B 96 3.97 2.02 11.17
C ASN B 96 3.10 1.43 12.26
N TYR B 97 3.22 0.13 12.54
CA TYR B 97 2.43 -0.51 13.60
C TYR B 97 3.24 -1.65 14.20
N LYS B 98 3.42 -1.63 15.52
CA LYS B 98 4.35 -2.53 16.20
C LYS B 98 3.64 -3.30 17.31
N LEU B 99 3.69 -4.61 17.24
CA LEU B 99 3.20 -5.49 18.29
C LEU B 99 4.32 -5.80 19.29
N PRO B 100 4.02 -5.85 20.59
CA PRO B 100 5.05 -6.20 21.57
C PRO B 100 5.46 -7.66 21.45
N ASP B 101 6.68 -7.94 21.96
CA ASP B 101 7.19 -9.32 21.98
C ASP B 101 6.27 -10.26 22.74
N ASP B 102 5.54 -9.75 23.72
CA ASP B 102 4.71 -10.55 24.61
C ASP B 102 3.23 -10.30 24.35
N PHE B 103 2.87 -10.05 23.09
CA PHE B 103 1.50 -9.72 22.71
C PHE B 103 0.50 -10.77 23.18
N THR B 104 -0.61 -10.31 23.73
CA THR B 104 -1.75 -11.15 24.06
C THR B 104 -2.93 -10.62 23.25
N GLY B 105 -3.28 -11.33 22.19
CA GLY B 105 -4.37 -10.92 21.33
C GLY B 105 -4.33 -11.68 20.03
N CYS B 106 -5.13 -11.20 19.07
CA CYS B 106 -5.27 -11.87 17.78
C CYS B 106 -5.08 -10.89 16.63
N VAL B 107 -4.51 -11.38 15.54
CA VAL B 107 -4.37 -10.64 14.30
C VAL B 107 -5.28 -11.28 13.27
N ILE B 108 -6.15 -10.46 12.68
CA ILE B 108 -7.15 -10.88 11.72
C ILE B 108 -6.94 -10.06 10.46
N ALA B 109 -6.89 -10.73 9.31
CA ALA B 109 -6.69 -10.02 8.06
C ALA B 109 -7.44 -10.70 6.92
N TRP B 110 -7.77 -9.93 5.89
CA TRP B 110 -8.43 -10.46 4.71
C TRP B 110 -8.15 -9.57 3.52
N ASN B 111 -8.07 -10.18 2.34
CA ASN B 111 -7.85 -9.43 1.12
C ASN B 111 -9.00 -8.46 0.90
N SER B 112 -8.69 -7.19 0.67
CA SER B 112 -9.72 -6.19 0.43
C SER B 112 -9.57 -5.52 -0.94
N ASN B 113 -9.02 -6.25 -1.93
CA ASN B 113 -8.83 -5.68 -3.26
C ASN B 113 -10.11 -5.10 -3.83
N ASN B 114 -11.25 -5.77 -3.58
CA ASN B 114 -12.54 -5.35 -4.11
CA ASN B 114 -12.49 -5.30 -4.17
C ASN B 114 -13.06 -4.09 -3.44
N LEU B 115 -12.53 -3.73 -2.28
CA LEU B 115 -12.98 -2.56 -1.56
C LEU B 115 -12.02 -1.39 -1.68
N ASP B 116 -10.71 -1.66 -1.69
CA ASP B 116 -9.71 -0.61 -1.46
C ASP B 116 -8.84 -0.29 -2.67
N SER B 117 -8.94 -1.04 -3.75
CA SER B 117 -8.27 -0.65 -4.98
C SER B 117 -9.25 0.10 -5.88
N LYS B 118 -8.68 0.84 -6.84
CA LYS B 118 -9.46 1.57 -7.83
C LYS B 118 -8.70 1.58 -9.14
N VAL B 119 -9.45 1.56 -10.25
CA VAL B 119 -8.85 1.76 -11.56
C VAL B 119 -8.04 3.04 -11.54
N GLY B 120 -6.81 2.97 -12.04
CA GLY B 120 -5.91 4.11 -11.98
C GLY B 120 -5.26 4.33 -10.63
N GLY B 121 -5.62 3.54 -9.61
CA GLY B 121 -4.99 3.64 -8.31
C GLY B 121 -5.85 4.33 -7.27
N ASN B 122 -5.88 3.76 -6.06
CA ASN B 122 -6.41 4.44 -4.88
C ASN B 122 -5.19 4.90 -4.10
N TYR B 123 -5.01 6.21 -3.98
CA TYR B 123 -3.83 6.77 -3.35
C TYR B 123 -4.10 7.22 -1.93
N ASN B 124 -5.27 6.89 -1.39
CA ASN B 124 -5.64 7.36 -0.05
C ASN B 124 -4.86 6.64 1.05
N TYR B 125 -4.45 5.40 0.82
CA TYR B 125 -3.76 4.61 1.85
C TYR B 125 -2.27 4.85 1.74
N LEU B 126 -1.68 5.35 2.83
CA LEU B 126 -0.28 5.70 2.90
C LEU B 126 0.46 4.78 3.87
N TYR B 127 1.79 4.80 3.77
CA TYR B 127 2.66 4.13 4.73
C TYR B 127 3.86 5.04 4.99
N ARG B 128 4.42 4.93 6.19
CA ARG B 128 5.63 5.66 6.53
C ARG B 128 6.84 4.85 6.09
N LEU B 129 7.78 5.51 5.42
CA LEU B 129 8.95 4.83 4.88
C LEU B 129 10.20 5.08 5.71
N PHE B 130 10.26 6.20 6.41
CA PHE B 130 11.43 6.61 7.16
C PHE B 130 11.02 7.02 8.56
N ARG B 131 11.90 6.77 9.53
CA ARG B 131 11.71 7.25 10.89
C ARG B 131 13.05 7.24 11.62
N LYS B 132 13.25 8.20 12.53
CA LYS B 132 14.53 8.27 13.24
C LYS B 132 14.76 7.03 14.10
N SER B 133 13.70 6.39 14.59
CA SER B 133 13.82 5.18 15.40
C SER B 133 12.57 4.33 15.21
N ASN B 134 12.66 3.08 15.66
CA ASN B 134 11.54 2.15 15.57
C ASN B 134 10.42 2.54 16.54
N LEU B 135 9.19 2.25 16.16
CA LEU B 135 8.07 2.49 17.06
C LEU B 135 8.15 1.57 18.27
N LYS B 136 7.71 2.08 19.41
CA LYS B 136 7.43 1.19 20.54
C LYS B 136 6.13 0.45 20.29
N PRO B 137 5.89 -0.65 21.00
CA PRO B 137 4.63 -1.38 20.82
C PRO B 137 3.43 -0.46 21.00
N PHE B 138 2.49 -0.54 20.04
CA PHE B 138 1.26 0.24 20.03
C PHE B 138 1.50 1.74 19.97
N GLU B 139 2.72 2.19 19.64
CA GLU B 139 2.92 3.61 19.40
C GLU B 139 2.33 4.01 18.04
N ARG B 140 1.91 5.27 17.93
CA ARG B 140 1.30 5.78 16.71
C ARG B 140 1.92 7.13 16.36
N ASP B 141 2.47 7.23 15.16
CA ASP B 141 3.17 8.41 14.71
C ASP B 141 2.52 8.88 13.41
N ILE B 142 1.87 10.05 13.45
CA ILE B 142 1.24 10.64 12.28
C ILE B 142 1.96 11.91 11.83
N SER B 143 3.15 12.18 12.38
CA SER B 143 3.86 13.40 11.99
C SER B 143 4.34 13.32 10.55
N THR B 144 4.54 14.48 9.93
CA THR B 144 5.02 14.56 8.56
C THR B 144 6.25 15.46 8.46
N GLU B 145 7.08 15.46 9.50
CA GLU B 145 8.34 16.18 9.46
C GLU B 145 9.27 15.60 8.40
N ILE B 146 10.09 16.46 7.81
CA ILE B 146 11.02 16.03 6.78
C ILE B 146 12.09 15.17 7.43
N TYR B 147 12.32 13.97 6.87
CA TYR B 147 13.25 13.02 7.46
C TYR B 147 14.69 13.32 7.02
N GLN B 148 15.59 13.44 7.98
CA GLN B 148 17.01 13.70 7.73
C GLN B 148 17.72 12.37 7.49
N ALA B 149 17.94 12.02 6.21
CA ALA B 149 18.59 10.76 5.89
C ALA B 149 20.10 10.84 6.04
N GLY B 150 20.69 12.02 5.85
CA GLY B 150 22.12 12.17 5.91
C GLY B 150 22.62 13.02 7.07
N SER B 151 23.79 13.64 6.88
CA SER B 151 24.41 14.43 7.94
C SER B 151 23.89 15.86 8.02
N THR B 152 23.30 16.37 6.95
CA THR B 152 22.89 17.77 6.89
C THR B 152 21.48 17.94 7.40
N PRO B 153 21.23 18.79 8.40
CA PRO B 153 19.85 19.03 8.84
C PRO B 153 18.96 19.56 7.72
N CYS B 154 17.68 19.27 7.82
CA CYS B 154 16.72 19.57 6.75
C CYS B 154 15.99 20.91 6.94
N ASN B 155 15.78 21.37 8.19
CA ASN B 155 15.13 22.65 8.45
C ASN B 155 13.73 22.71 7.82
N GLY B 156 13.04 21.57 7.84
CA GLY B 156 11.67 21.51 7.38
C GLY B 156 11.46 21.56 5.90
N VAL B 157 12.51 21.44 5.08
CA VAL B 157 12.35 21.52 3.63
C VAL B 157 12.93 20.26 2.99
N GLU B 158 12.18 19.70 2.03
CA GLU B 158 12.68 18.55 1.29
C GLU B 158 13.91 18.94 0.47
N GLY B 159 14.83 18.01 0.34
CA GLY B 159 16.04 18.27 -0.42
C GLY B 159 16.97 17.07 -0.44
N PHE B 160 18.27 17.36 -0.48
CA PHE B 160 19.26 16.30 -0.60
C PHE B 160 19.33 15.52 0.71
N ASN B 161 18.95 14.24 0.65
CA ASN B 161 18.90 13.40 1.84
C ASN B 161 17.87 13.91 2.85
N CYS B 162 16.81 14.54 2.36
CA CYS B 162 15.82 15.19 3.20
C CYS B 162 14.44 14.84 2.62
N TYR B 163 13.75 13.88 3.23
CA TYR B 163 12.63 13.22 2.57
C TYR B 163 11.31 13.44 3.31
N PHE B 164 10.26 13.75 2.55
CA PHE B 164 8.92 13.55 3.07
C PHE B 164 8.78 12.09 3.50
N PRO B 165 8.23 11.82 4.67
CA PRO B 165 8.36 10.47 5.26
C PRO B 165 7.35 9.44 4.77
N LEU B 166 6.27 9.83 4.08
CA LEU B 166 5.21 8.92 3.69
C LEU B 166 5.22 8.67 2.20
N GLN B 167 4.70 7.49 1.82
CA GLN B 167 4.41 7.13 0.44
C GLN B 167 2.99 6.60 0.36
N SER B 168 2.52 6.50 -0.89
CA SER B 168 1.20 5.97 -1.21
C SER B 168 1.29 4.56 -1.78
N TYR B 169 0.41 3.69 -1.31
CA TYR B 169 0.32 2.35 -1.91
C TYR B 169 -0.20 2.39 -3.35
N GLY B 170 -1.05 3.36 -3.68
CA GLY B 170 -1.64 3.43 -5.01
C GLY B 170 -2.33 2.15 -5.45
N PHE B 171 -3.09 1.53 -4.55
CA PHE B 171 -3.68 0.22 -4.79
C PHE B 171 -4.51 0.19 -6.07
N GLN B 172 -4.18 -0.73 -6.96
CA GLN B 172 -4.76 -0.84 -8.27
C GLN B 172 -5.20 -2.29 -8.47
N PRO B 173 -6.39 -2.53 -9.04
CA PRO B 173 -7.00 -3.87 -8.94
C PRO B 173 -6.25 -5.02 -9.61
N THR B 174 -5.40 -4.78 -10.62
CA THR B 174 -4.67 -5.88 -11.23
C THR B 174 -3.30 -6.11 -10.59
N ASN B 175 -3.03 -5.49 -9.44
CA ASN B 175 -1.80 -5.82 -8.73
C ASN B 175 -1.75 -7.31 -8.44
N GLY B 176 -0.54 -7.89 -8.49
CA GLY B 176 -0.35 -9.20 -7.90
C GLY B 176 -0.73 -9.19 -6.44
N VAL B 177 -1.02 -10.37 -5.88
CA VAL B 177 -1.71 -10.42 -4.59
C VAL B 177 -0.85 -9.82 -3.47
N GLY B 178 0.48 -9.94 -3.57
CA GLY B 178 1.34 -9.33 -2.56
C GLY B 178 1.34 -7.81 -2.55
N TYR B 179 0.77 -7.21 -3.59
CA TYR B 179 0.63 -5.76 -3.70
C TYR B 179 -0.84 -5.33 -3.67
N GLN B 180 -1.74 -6.25 -3.41
CA GLN B 180 -3.13 -5.94 -3.17
C GLN B 180 -3.35 -5.51 -1.72
N PRO B 181 -4.39 -4.72 -1.45
CA PRO B 181 -4.65 -4.27 -0.08
C PRO B 181 -5.25 -5.37 0.76
N TYR B 182 -4.86 -5.40 2.02
CA TYR B 182 -5.44 -6.30 3.02
C TYR B 182 -5.93 -5.46 4.19
N ARG B 183 -7.16 -5.71 4.61
CA ARG B 183 -7.65 -5.07 5.82
C ARG B 183 -7.20 -5.90 7.01
N VAL B 184 -6.77 -5.23 8.07
CA VAL B 184 -6.22 -5.88 9.25
C VAL B 184 -6.95 -5.37 10.47
N VAL B 185 -7.35 -6.29 11.36
CA VAL B 185 -7.89 -5.95 12.68
C VAL B 185 -7.03 -6.65 13.73
N VAL B 186 -6.47 -5.89 14.65
CA VAL B 186 -5.69 -6.44 15.75
C VAL B 186 -6.51 -6.27 17.03
N LEU B 187 -6.83 -7.39 17.67
CA LEU B 187 -7.54 -7.39 18.94
C LEU B 187 -6.54 -7.61 20.06
N SER B 188 -6.57 -6.74 21.06
CA SER B 188 -5.77 -6.96 22.26
C SER B 188 -6.68 -6.97 23.48
N PHE B 189 -6.36 -7.88 24.40
CA PHE B 189 -7.20 -8.20 25.55
C PHE B 189 -6.50 -7.71 26.81
N GLU B 190 -7.14 -6.79 27.51
CA GLU B 190 -6.52 -6.12 28.65
C GLU B 190 -7.27 -6.47 29.93
N LEU B 191 -6.54 -6.99 30.91
CA LEU B 191 -7.09 -7.30 32.24
C LEU B 191 -6.45 -6.38 33.25
N LEU B 192 -7.26 -5.53 33.87
CA LEU B 192 -6.83 -4.57 34.89
C LEU B 192 -7.40 -4.96 36.25
N HIS B 193 -6.98 -4.20 37.25
CA HIS B 193 -7.64 -4.23 38.56
C HIS B 193 -9.12 -3.91 38.43
N ALA B 194 -9.49 -3.01 37.52
CA ALA B 194 -10.89 -2.69 37.31
C ALA B 194 -11.66 -3.93 36.84
N PRO B 195 -12.97 -3.99 37.10
CA PRO B 195 -13.75 -5.19 36.74
C PRO B 195 -13.72 -5.50 35.24
N ALA B 196 -13.82 -6.80 34.95
CA ALA B 196 -13.75 -7.34 33.59
C ALA B 196 -15.13 -7.27 32.96
N THR B 197 -15.33 -6.34 32.02
CA THR B 197 -16.65 -6.02 31.48
C THR B 197 -16.90 -6.59 30.07
N VAL B 198 -15.92 -7.25 29.46
CA VAL B 198 -16.07 -7.77 28.10
C VAL B 198 -15.92 -9.28 28.17
N CYS B 199 -17.03 -9.99 28.06
CA CYS B 199 -17.04 -11.44 28.18
C CYS B 199 -17.58 -12.08 26.92
N GLY B 200 -17.28 -13.38 26.75
CA GLY B 200 -17.96 -14.20 25.79
C GLY B 200 -19.37 -14.53 26.25
N PRO B 201 -20.12 -15.25 25.41
CA PRO B 201 -21.52 -15.59 25.68
C PRO B 201 -21.71 -16.39 26.97
#